data_6SP6
#
_entry.id   6SP6
#
_cell.length_a   44.558
_cell.length_b   45.719
_cell.length_c   117.219
_cell.angle_alpha   90.000
_cell.angle_beta   90.000
_cell.angle_gamma   90.000
#
_symmetry.space_group_name_H-M   'P 21 21 21'
#
loop_
_entity.id
_entity.type
_entity.pdbx_description
1 polymer Beta-lactamase
2 non-polymer 'SULFATE ION'
3 non-polymer '(3~{R})-3-[2-[4-(2-azanylethylamino)cyclohexyl]ethanoylamino]-2-oxidanyl-3,4-dihydro-1,2-benzoxaborinine-8-carboxylic acid'
4 non-polymer 1,2-ETHANEDIOL
5 non-polymer 'TRIETHYLENE GLYCOL'
6 water water
#
_entity_poly.entity_id   1
_entity_poly.type   'polypeptide(L)'
_entity_poly.pdbx_seq_one_letter_code
;TADVQQKLAELERQSGGRLGVALINTADNSQILYRADERFAMCSTSKVMAAAAVLKKSESEPNLLNQRVEIKKSDLVNYN
PIAEKHVNGTMSLAELSAAALQYSDNVAMNKLIAHVGGPASVTAFARQLGDETFRLDRTEPTLNTAIPGDPRDTTSPRAM
AQTLRNLTLGKALGDSQRAQLVTWMKGNTTGAASIQAGLPASWVVGDKTGSGGYGTTNDIAVIWPKDRAPLILVTYFTQP
QPKAESRRDVLASAAKIVTDGL
;
_entity_poly.pdbx_strand_id   A
#
# COMPACT_ATOMS: atom_id res chain seq x y z
C THR A 1 -23.22 -10.49 1.40
N ALA A 2 -24.17 -11.40 1.19
CA ALA A 2 -23.96 -12.83 1.52
C ALA A 2 -23.34 -13.65 0.43
N ASP A 3 -23.83 -13.45 -0.81
CA ASP A 3 -23.31 -14.08 -1.97
C ASP A 3 -21.81 -13.67 -2.04
N VAL A 4 -21.53 -12.39 -1.84
CA VAL A 4 -20.17 -11.90 -1.94
C VAL A 4 -19.33 -12.64 -0.90
N GLN A 5 -19.87 -12.79 0.31
CA GLN A 5 -19.16 -13.47 1.38
C GLN A 5 -18.74 -14.86 0.92
N GLN A 6 -19.72 -15.61 0.45
CA GLN A 6 -19.50 -16.97 -0.04
C GLN A 6 -18.43 -17.03 -1.15
N LYS A 7 -18.53 -16.12 -2.10
N LYS A 7 -18.54 -16.14 -2.11
CA LYS A 7 -17.60 -16.15 -3.21
CA LYS A 7 -17.60 -16.15 -3.21
C LYS A 7 -16.18 -15.84 -2.74
C LYS A 7 -16.18 -15.88 -2.71
N LEU A 8 -16.01 -14.93 -1.79
CA LEU A 8 -14.67 -14.69 -1.28
C LEU A 8 -14.15 -15.92 -0.53
N ALA A 9 -14.98 -16.62 0.24
CA ALA A 9 -14.61 -17.80 0.91
C ALA A 9 -14.13 -18.86 -0.06
N GLU A 10 -14.86 -18.95 -1.16
CA GLU A 10 -14.58 -19.91 -2.23
C GLU A 10 -13.20 -19.59 -2.77
N LEU A 11 -13.00 -18.33 -3.14
CA LEU A 11 -11.69 -17.93 -3.66
C LEU A 11 -10.57 -18.21 -2.68
N GLU A 12 -10.80 -17.90 -1.41
CA GLU A 12 -9.80 -18.21 -0.41
C GLU A 12 -9.44 -19.71 -0.44
N ARG A 13 -10.46 -20.55 -0.42
CA ARG A 13 -10.26 -21.99 -0.40
C ARG A 13 -9.45 -22.46 -1.59
N GLN A 14 -9.83 -21.97 -2.76
CA GLN A 14 -9.07 -22.36 -3.96
CA GLN A 14 -9.11 -22.33 -3.95
C GLN A 14 -7.63 -21.92 -3.96
N SER A 15 -7.36 -20.75 -3.39
CA SER A 15 -6.05 -20.16 -3.34
C SER A 15 -5.12 -20.91 -2.43
N GLY A 16 -5.59 -21.55 -1.41
CA GLY A 16 -4.79 -22.21 -0.37
C GLY A 16 -4.27 -21.33 0.70
N GLY A 17 -4.46 -20.02 0.65
CA GLY A 17 -3.89 -19.07 1.59
C GLY A 17 -4.97 -18.42 2.44
N ARG A 18 -4.57 -17.26 2.93
CA ARG A 18 -5.38 -16.42 3.78
C ARG A 18 -5.61 -15.13 3.02
N LEU A 19 -6.88 -14.75 2.95
CA LEU A 19 -7.32 -13.57 2.22
C LEU A 19 -8.00 -12.59 3.11
N GLY A 20 -7.60 -11.30 3.01
CA GLY A 20 -8.21 -10.24 3.78
C GLY A 20 -8.70 -9.15 2.83
N VAL A 21 -9.95 -8.76 2.94
CA VAL A 21 -10.55 -7.77 2.05
C VAL A 21 -11.32 -6.75 2.85
N ALA A 22 -11.13 -5.47 2.47
CA ALA A 22 -12.01 -4.41 2.95
C ALA A 22 -12.28 -3.47 1.80
N LEU A 23 -13.57 -3.37 1.43
CA LEU A 23 -14.05 -2.41 0.43
C LEU A 23 -14.89 -1.36 1.18
N ILE A 24 -14.61 -0.07 0.92
CA ILE A 24 -15.49 1.01 1.35
C ILE A 24 -16.08 1.61 0.09
N ASN A 25 -17.40 1.64 0.02
CA ASN A 25 -18.09 2.25 -1.10
C ASN A 25 -18.66 3.59 -0.63
N THR A 26 -18.02 4.68 -1.15
CA THR A 26 -18.44 5.99 -0.68
C THR A 26 -19.76 6.45 -1.30
N ALA A 27 -20.34 5.68 -2.22
CA ALA A 27 -21.72 5.95 -2.69
C ALA A 27 -22.70 5.96 -1.57
N ASP A 28 -22.58 4.99 -0.67
CA ASP A 28 -23.61 4.76 0.36
C ASP A 28 -23.00 4.48 1.72
N ASN A 29 -21.68 4.70 1.87
CA ASN A 29 -20.99 4.54 3.10
C ASN A 29 -21.06 3.15 3.58
N SER A 30 -21.07 2.19 2.67
CA SER A 30 -21.11 0.78 3.04
C SER A 30 -19.74 0.13 2.93
N GLN A 31 -19.63 -1.08 3.50
CA GLN A 31 -18.38 -1.83 3.42
C GLN A 31 -18.64 -3.31 3.09
N ILE A 32 -17.65 -3.94 2.49
CA ILE A 32 -17.65 -5.39 2.31
C ILE A 32 -16.34 -5.80 3.01
N LEU A 33 -16.44 -6.72 3.97
CA LEU A 33 -15.32 -7.13 4.84
C LEU A 33 -15.15 -8.61 4.83
N TYR A 34 -13.89 -9.07 4.75
CA TYR A 34 -13.57 -10.50 4.84
C TYR A 34 -12.24 -10.63 5.58
N ARG A 35 -12.28 -11.20 6.78
CA ARG A 35 -11.10 -11.26 7.61
C ARG A 35 -10.57 -9.84 7.64
N ALA A 36 -11.45 -8.86 7.89
CA ALA A 36 -10.99 -7.46 7.88
C ALA A 36 -10.38 -6.99 9.17
N ASP A 37 -10.57 -7.75 10.25
CA ASP A 37 -9.92 -7.43 11.53
C ASP A 37 -8.73 -8.30 11.85
N GLU A 38 -8.34 -9.18 10.94
CA GLU A 38 -7.11 -9.98 11.12
C GLU A 38 -5.92 -9.14 10.66
N ARG A 39 -4.75 -9.47 11.22
CA ARG A 39 -3.52 -8.83 10.81
C ARG A 39 -2.87 -9.57 9.66
N PHE A 40 -2.26 -8.75 8.76
CA PHE A 40 -1.49 -9.22 7.63
C PHE A 40 -0.23 -8.36 7.51
N ALA A 41 0.87 -8.97 7.10
CA ALA A 41 2.06 -8.21 6.79
C ALA A 41 1.79 -7.28 5.64
N MET A 42 2.02 -5.98 5.86
CA MET A 42 1.74 -4.96 4.84
C MET A 42 2.66 -5.04 3.65
N CYS A 43 3.90 -5.41 3.89
CA CYS A 43 4.94 -5.34 2.88
C CYS A 43 4.97 -3.93 2.33
N SER A 44 5.15 -3.77 1.01
CA SER A 44 5.35 -2.44 0.46
C SER A 44 4.10 -1.58 0.46
N THR A 45 2.92 -2.13 0.84
CA THR A 45 1.77 -1.23 1.00
C THR A 45 1.98 -0.21 2.09
N SER A 46 2.91 -0.48 3.02
CA SER A 46 3.29 0.44 4.06
C SER A 46 3.94 1.72 3.52
N LYS A 47 4.40 1.70 2.26
CA LYS A 47 5.04 2.87 1.70
C LYS A 47 4.09 4.04 1.57
N VAL A 48 2.79 3.78 1.43
CA VAL A 48 1.81 4.90 1.43
C VAL A 48 1.91 5.69 2.70
N MET A 49 1.93 4.95 3.81
CA MET A 49 1.99 5.67 5.13
CA MET A 49 1.99 5.71 5.11
C MET A 49 3.32 6.56 5.31
N ALA A 50 4.41 5.95 4.82
CA ALA A 50 5.69 6.67 4.91
C ALA A 50 5.67 7.92 4.01
N ALA A 51 5.19 7.79 2.77
CA ALA A 51 5.11 8.95 1.90
C ALA A 51 4.16 9.98 2.49
N ALA A 52 3.04 9.54 3.03
CA ALA A 52 2.11 10.49 3.65
C ALA A 52 2.71 11.21 4.82
N ALA A 53 3.55 10.54 5.60
CA ALA A 53 4.20 11.21 6.76
C ALA A 53 5.14 12.30 6.24
N VAL A 54 5.87 12.05 5.17
CA VAL A 54 6.73 13.10 4.55
C VAL A 54 5.89 14.24 4.04
N LEU A 55 4.76 13.91 3.35
CA LEU A 55 3.87 14.97 2.89
C LEU A 55 3.35 15.82 4.02
N LYS A 56 2.94 15.16 5.14
CA LYS A 56 2.45 15.90 6.30
C LYS A 56 3.57 16.83 6.81
N LYS A 57 4.78 16.30 6.96
CA LYS A 57 5.93 17.11 7.44
C LYS A 57 6.08 18.34 6.54
N SER A 58 5.90 18.17 5.24
CA SER A 58 6.08 19.25 4.27
C SER A 58 5.06 20.37 4.45
N GLU A 59 3.95 20.14 5.11
CA GLU A 59 3.01 21.21 5.27
C GLU A 59 3.53 22.33 6.13
N SER A 60 4.47 22.07 6.98
CA SER A 60 5.06 23.07 7.80
C SER A 60 6.56 23.35 7.50
N GLU A 61 7.05 22.76 6.42
CA GLU A 61 8.38 22.94 5.92
C GLU A 61 8.35 23.12 4.40
N PRO A 62 8.19 24.38 3.99
CA PRO A 62 8.29 24.75 2.61
C PRO A 62 9.51 24.19 1.92
N ASN A 63 9.18 23.75 0.77
CA ASN A 63 10.18 23.21 -0.03
C ASN A 63 10.82 21.88 0.55
N LEU A 64 10.27 21.24 1.64
CA LEU A 64 10.87 19.97 2.05
C LEU A 64 10.99 18.91 0.90
N LEU A 65 10.05 18.86 0.04
CA LEU A 65 10.07 17.87 -0.99
C LEU A 65 11.22 18.03 -1.97
N ASN A 66 11.77 19.23 -2.02
CA ASN A 66 12.96 19.47 -2.84
C ASN A 66 14.27 19.17 -2.15
N GLN A 67 14.22 18.84 -0.86
CA GLN A 67 15.46 18.53 -0.12
C GLN A 67 16.12 17.30 -0.78
N ARG A 68 17.44 17.39 -0.91
CA ARG A 68 18.23 16.34 -1.51
C ARG A 68 18.70 15.31 -0.49
N VAL A 69 18.86 14.08 -0.95
CA VAL A 69 19.28 13.03 -0.18
C VAL A 69 20.35 12.22 -0.94
N GLU A 70 21.50 11.98 -0.36
N GLU A 70 21.49 11.99 -0.35
CA GLU A 70 22.52 11.24 -1.00
CA GLU A 70 22.50 11.22 -0.99
C GLU A 70 22.17 9.73 -1.08
C GLU A 70 22.14 9.73 -1.09
N ILE A 71 22.45 9.13 -2.22
CA ILE A 71 22.29 7.70 -2.42
C ILE A 71 23.68 7.08 -2.52
N LYS A 72 24.03 6.19 -1.60
CA LYS A 72 25.36 5.61 -1.61
C LYS A 72 25.28 4.11 -1.77
N LYS A 73 26.38 3.50 -2.21
CA LYS A 73 26.34 2.05 -2.38
C LYS A 73 25.82 1.38 -1.15
N SER A 74 26.22 1.88 0.02
CA SER A 74 25.78 1.30 1.28
C SER A 74 24.29 1.41 1.52
N ASP A 75 23.61 2.25 0.74
CA ASP A 75 22.15 2.33 0.87
C ASP A 75 21.46 1.24 0.10
N LEU A 76 22.08 0.59 -0.89
CA LEU A 76 21.36 -0.38 -1.68
C LEU A 76 20.88 -1.54 -0.80
N VAL A 77 19.68 -2.02 -1.11
CA VAL A 77 19.10 -3.16 -0.42
C VAL A 77 18.76 -4.22 -1.48
N ASN A 78 17.65 -4.94 -1.33
CA ASN A 78 17.30 -6.06 -2.21
C ASN A 78 16.60 -5.67 -3.46
N TYR A 79 16.04 -4.48 -3.58
CA TYR A 79 15.17 -4.12 -4.70
C TYR A 79 15.25 -2.61 -4.83
N ASN A 80 16.02 -2.21 -5.83
CA ASN A 80 16.49 -0.83 -5.99
C ASN A 80 16.29 -0.33 -7.41
N PRO A 81 15.15 -0.57 -8.05
CA PRO A 81 14.98 -0.26 -9.48
C PRO A 81 15.29 1.18 -9.89
N ILE A 82 15.00 2.14 -9.04
CA ILE A 82 15.30 3.55 -9.29
C ILE A 82 16.61 3.95 -8.66
N ALA A 83 16.78 3.64 -7.38
CA ALA A 83 17.95 4.15 -6.66
C ALA A 83 19.25 3.67 -7.27
N GLU A 84 19.27 2.52 -7.92
N GLU A 84 19.20 2.50 -7.90
CA GLU A 84 20.51 1.97 -8.48
CA GLU A 84 20.39 1.92 -8.52
C GLU A 84 21.01 2.82 -9.64
C GLU A 84 20.98 2.86 -9.54
N LYS A 85 20.13 3.67 -10.18
CA LYS A 85 20.52 4.61 -11.22
C LYS A 85 21.07 5.92 -10.74
N HIS A 86 21.05 6.14 -9.42
CA HIS A 86 21.44 7.40 -8.78
C HIS A 86 22.51 7.25 -7.77
N VAL A 87 23.21 6.13 -7.76
CA VAL A 87 24.23 5.92 -6.74
C VAL A 87 25.32 6.98 -6.91
N ASN A 88 25.59 7.67 -5.81
N ASN A 88 25.46 7.63 -5.76
CA ASN A 88 26.67 8.65 -5.76
CA ASN A 88 26.52 8.60 -5.55
C ASN A 88 26.19 10.06 -6.12
C ASN A 88 26.19 9.96 -6.15
N GLY A 89 24.91 10.17 -6.45
CA GLY A 89 24.27 11.45 -6.55
C GLY A 89 23.23 11.55 -5.46
N THR A 90 22.41 12.59 -5.63
CA THR A 90 21.31 12.82 -4.74
C THR A 90 19.98 12.64 -5.52
N MET A 91 18.92 12.34 -4.71
CA MET A 91 17.55 12.38 -5.19
C MET A 91 16.78 13.30 -4.23
N SER A 92 15.75 14.00 -4.76
CA SER A 92 14.92 14.78 -3.84
C SER A 92 13.97 13.85 -3.08
N LEU A 93 13.41 14.38 -2.00
CA LEU A 93 12.39 13.63 -1.31
C LEU A 93 11.15 13.40 -2.17
N ALA A 94 10.80 14.33 -3.06
CA ALA A 94 9.73 14.08 -4.00
C ALA A 94 10.05 12.88 -4.91
N GLU A 95 11.28 12.86 -5.42
CA GLU A 95 11.74 11.80 -6.28
C GLU A 95 11.67 10.47 -5.56
N LEU A 96 12.13 10.46 -4.31
CA LEU A 96 12.11 9.24 -3.52
C LEU A 96 10.71 8.79 -3.22
N SER A 97 9.81 9.72 -2.94
CA SER A 97 8.42 9.35 -2.72
C SER A 97 7.82 8.69 -3.93
N ALA A 98 8.06 9.30 -5.11
CA ALA A 98 7.56 8.71 -6.35
C ALA A 98 8.16 7.36 -6.62
N ALA A 99 9.48 7.20 -6.37
CA ALA A 99 10.12 5.92 -6.63
C ALA A 99 9.55 4.82 -5.71
N ALA A 100 9.39 5.19 -4.42
CA ALA A 100 8.79 4.23 -3.48
C ALA A 100 7.39 3.83 -3.92
N LEU A 101 6.56 4.81 -4.29
CA LEU A 101 5.18 4.53 -4.57
C LEU A 101 4.92 3.91 -5.93
N GLN A 102 5.72 4.29 -6.92
CA GLN A 102 5.42 3.94 -8.30
C GLN A 102 6.22 2.77 -8.86
N TYR A 103 7.37 2.47 -8.23
CA TYR A 103 8.25 1.38 -8.59
C TYR A 103 8.49 0.42 -7.42
N SER A 104 7.96 0.76 -6.25
CA SER A 104 8.25 -0.03 -5.06
C SER A 104 9.74 -0.06 -4.76
N ASP A 105 10.46 1.02 -5.02
CA ASP A 105 11.89 1.02 -4.69
C ASP A 105 12.04 0.98 -3.14
N ASN A 106 12.92 0.10 -2.69
CA ASN A 106 13.15 -0.07 -1.24
C ASN A 106 14.13 0.89 -0.64
N VAL A 107 15.14 1.32 -1.41
CA VAL A 107 16.00 2.40 -0.90
C VAL A 107 15.19 3.63 -0.64
N ALA A 108 14.30 3.94 -1.59
CA ALA A 108 13.47 5.11 -1.47
C ALA A 108 12.62 5.06 -0.19
N MET A 109 11.98 3.93 0.08
CA MET A 109 11.29 3.76 1.35
C MET A 109 12.20 3.98 2.55
N ASN A 110 13.41 3.40 2.54
CA ASN A 110 14.30 3.62 3.66
C ASN A 110 14.62 5.08 3.86
N LYS A 111 14.77 5.86 2.78
CA LYS A 111 15.04 7.28 2.94
C LYS A 111 13.83 8.01 3.52
N LEU A 112 12.61 7.62 3.13
CA LEU A 112 11.41 8.25 3.70
C LEU A 112 11.34 7.94 5.20
N ILE A 113 11.55 6.67 5.55
CA ILE A 113 11.57 6.24 6.95
C ILE A 113 12.58 7.04 7.76
N ALA A 114 13.82 7.09 7.24
CA ALA A 114 14.85 7.80 7.97
C ALA A 114 14.51 9.25 8.15
N HIS A 115 13.98 9.87 7.11
CA HIS A 115 13.72 11.31 7.16
C HIS A 115 12.78 11.68 8.27
N VAL A 116 11.73 10.87 8.45
CA VAL A 116 10.71 11.20 9.44
C VAL A 116 11.07 10.70 10.85
N GLY A 117 12.11 9.93 11.02
CA GLY A 117 12.56 9.50 12.30
C GLY A 117 12.53 8.01 12.57
N GLY A 118 12.22 7.19 11.58
CA GLY A 118 12.28 5.77 11.74
C GLY A 118 10.91 5.15 11.78
N PRO A 119 10.86 3.81 11.87
CA PRO A 119 9.55 3.09 11.87
C PRO A 119 8.63 3.56 12.95
N ALA A 120 9.14 3.88 14.15
CA ALA A 120 8.27 4.30 15.23
C ALA A 120 7.65 5.65 14.95
N SER A 121 8.33 6.50 14.17
CA SER A 121 7.76 7.76 13.77
CA SER A 121 7.81 7.77 13.76
C SER A 121 6.67 7.60 12.73
N VAL A 122 6.87 6.73 11.78
CA VAL A 122 5.79 6.42 10.81
C VAL A 122 4.56 5.92 11.57
N THR A 123 4.81 5.03 12.54
CA THR A 123 3.71 4.48 13.35
C THR A 123 3.00 5.60 14.15
N ALA A 124 3.81 6.49 14.74
CA ALA A 124 3.19 7.60 15.48
C ALA A 124 2.35 8.50 14.59
N PHE A 125 2.75 8.69 13.33
CA PHE A 125 1.92 9.42 12.39
C PHE A 125 0.60 8.72 12.14
N ALA A 126 0.64 7.39 11.94
CA ALA A 126 -0.59 6.65 11.80
C ALA A 126 -1.52 6.88 13.00
N ARG A 127 -0.95 6.81 14.20
CA ARG A 127 -1.74 7.06 15.42
C ARG A 127 -2.37 8.43 15.40
N GLN A 128 -1.59 9.45 14.98
CA GLN A 128 -2.11 10.80 14.93
C GLN A 128 -3.31 10.92 14.00
N LEU A 129 -3.36 10.10 12.95
CA LEU A 129 -4.48 10.08 12.04
C LEU A 129 -5.70 9.33 12.59
N GLY A 130 -5.55 8.62 13.68
CA GLY A 130 -6.63 7.80 14.23
C GLY A 130 -6.57 6.33 13.89
N ASP A 131 -5.44 5.89 13.34
CA ASP A 131 -5.22 4.47 13.03
C ASP A 131 -4.43 3.87 14.16
N GLU A 132 -5.08 3.06 14.96
CA GLU A 132 -4.50 2.41 16.13
C GLU A 132 -4.10 1.01 15.86
N THR A 133 -4.13 0.58 14.60
CA THR A 133 -3.84 -0.81 14.21
C THR A 133 -2.50 -0.97 13.49
N PHE A 134 -2.24 -0.05 12.55
CA PHE A 134 -1.00 -0.06 11.80
C PHE A 134 0.21 -0.11 12.70
N ARG A 135 1.18 -0.94 12.35
CA ARG A 135 2.50 -0.87 13.00
C ARG A 135 3.61 -1.13 12.05
N LEU A 136 4.48 -0.15 11.87
CA LEU A 136 5.71 -0.34 11.09
C LEU A 136 6.82 -0.51 12.13
N ASP A 137 7.43 -1.70 12.10
CA ASP A 137 8.43 -2.10 13.09
C ASP A 137 9.85 -1.98 12.55
N ARG A 138 10.05 -2.32 11.28
CA ARG A 138 11.39 -2.30 10.75
C ARG A 138 11.54 -1.60 9.42
N THR A 139 12.77 -1.58 8.96
CA THR A 139 13.13 -0.97 7.73
C THR A 139 13.13 -2.02 6.59
N GLU A 140 13.47 -1.52 5.38
CA GLU A 140 13.66 -2.42 4.26
C GLU A 140 15.03 -3.04 4.32
N PRO A 141 15.21 -4.32 3.99
CA PRO A 141 14.15 -5.19 3.42
C PRO A 141 13.43 -6.10 4.40
N THR A 142 13.85 -6.05 5.67
CA THR A 142 13.35 -7.07 6.58
C THR A 142 11.88 -6.92 6.92
N LEU A 143 11.27 -5.74 6.69
CA LEU A 143 9.87 -5.56 7.00
C LEU A 143 8.94 -6.46 6.20
N ASN A 144 9.48 -7.14 5.14
CA ASN A 144 8.70 -7.98 4.27
C ASN A 144 8.78 -9.49 4.59
N THR A 145 9.33 -9.89 5.73
CA THR A 145 9.46 -11.33 5.99
C THR A 145 8.10 -12.07 6.03
N ALA A 146 7.08 -11.42 6.58
CA ALA A 146 5.72 -11.91 6.52
C ALA A 146 5.54 -13.30 7.12
N ILE A 147 6.20 -13.53 8.26
CA ILE A 147 6.14 -14.86 8.92
C ILE A 147 4.74 -15.04 9.56
N PRO A 148 4.05 -16.14 9.33
CA PRO A 148 2.73 -16.33 9.99
C PRO A 148 2.90 -16.25 11.52
N GLY A 149 1.94 -15.53 12.14
CA GLY A 149 1.95 -15.38 13.57
C GLY A 149 2.74 -14.18 14.05
N ASP A 150 3.51 -13.54 13.15
CA ASP A 150 4.38 -12.41 13.57
C ASP A 150 3.61 -11.09 13.38
N PRO A 151 3.39 -10.33 14.44
CA PRO A 151 2.64 -9.08 14.29
C PRO A 151 3.46 -7.92 13.75
N ARG A 152 4.77 -8.09 13.60
CA ARG A 152 5.57 -6.96 13.13
C ARG A 152 5.16 -6.53 11.75
N ASP A 153 5.08 -5.20 11.53
CA ASP A 153 4.90 -4.68 10.17
C ASP A 153 3.55 -5.13 9.60
N THR A 154 2.51 -5.17 10.44
CA THR A 154 1.19 -5.60 10.01
C THR A 154 0.15 -4.49 10.22
N THR A 155 -0.99 -4.68 9.54
CA THR A 155 -2.20 -3.96 9.85
C THR A 155 -3.40 -4.86 9.49
N SER A 156 -4.60 -4.37 9.70
CA SER A 156 -5.79 -5.10 9.26
C SER A 156 -6.33 -4.47 7.99
N PRO A 157 -7.09 -5.24 7.18
CA PRO A 157 -7.70 -4.66 6.01
C PRO A 157 -8.64 -3.50 6.38
N ARG A 158 -9.45 -3.65 7.43
CA ARG A 158 -10.36 -2.56 7.83
C ARG A 158 -9.57 -1.29 8.10
N ALA A 159 -8.55 -1.39 8.95
CA ALA A 159 -7.82 -0.23 9.34
C ALA A 159 -7.14 0.43 8.12
N MET A 160 -6.54 -0.37 7.25
CA MET A 160 -5.84 0.21 6.13
CA MET A 160 -5.85 0.21 6.12
C MET A 160 -6.83 0.86 5.15
N ALA A 161 -7.99 0.25 4.96
CA ALA A 161 -9.00 0.88 4.08
C ALA A 161 -9.44 2.21 4.64
N GLN A 162 -9.74 2.24 5.96
CA GLN A 162 -10.16 3.50 6.55
C GLN A 162 -9.08 4.55 6.49
N THR A 163 -7.84 4.17 6.74
CA THR A 163 -6.76 5.14 6.66
C THR A 163 -6.54 5.60 5.23
N LEU A 164 -6.56 4.68 4.27
CA LEU A 164 -6.38 5.11 2.88
C LEU A 164 -7.51 6.02 2.45
N ARG A 165 -8.75 5.87 2.91
N ARG A 165 -8.77 5.83 2.82
CA ARG A 165 -9.81 6.81 2.57
CA ARG A 165 -9.80 6.84 2.55
C ARG A 165 -9.54 8.18 3.18
C ARG A 165 -9.42 8.19 3.13
N ASN A 166 -9.01 8.19 4.39
CA ASN A 166 -8.63 9.48 4.97
C ASN A 166 -7.54 10.18 4.15
N LEU A 167 -6.53 9.45 3.76
CA LEU A 167 -5.38 10.02 3.06
C LEU A 167 -5.73 10.51 1.65
N THR A 168 -6.55 9.76 0.95
CA THR A 168 -6.79 9.99 -0.51
C THR A 168 -8.11 10.75 -0.78
N LEU A 169 -9.12 10.57 0.02
CA LEU A 169 -10.42 11.16 -0.15
C LEU A 169 -10.81 12.11 0.95
N GLY A 170 -10.21 11.93 2.13
CA GLY A 170 -10.46 12.76 3.30
C GLY A 170 -9.46 13.84 3.46
N LYS A 171 -9.35 14.32 4.70
CA LYS A 171 -8.61 15.53 5.10
C LYS A 171 -7.38 15.33 5.92
N ALA A 172 -6.81 14.14 5.86
CA ALA A 172 -5.57 13.87 6.61
C ALA A 172 -4.47 14.85 6.16
N LEU A 173 -4.39 15.12 4.88
CA LEU A 173 -3.37 15.94 4.26
C LEU A 173 -4.00 17.22 3.74
N GLY A 174 -3.22 18.28 3.64
CA GLY A 174 -3.64 19.49 3.01
C GLY A 174 -3.99 19.23 1.52
N ASP A 175 -4.69 20.15 0.87
CA ASP A 175 -5.16 19.86 -0.49
C ASP A 175 -4.01 19.63 -1.44
N SER A 176 -2.91 20.41 -1.34
CA SER A 176 -1.78 20.19 -2.24
C SER A 176 -1.17 18.82 -2.02
N GLN A 177 -1.03 18.47 -0.74
CA GLN A 177 -0.36 17.21 -0.38
C GLN A 177 -1.23 15.99 -0.74
N ARG A 178 -2.55 16.11 -0.53
CA ARG A 178 -3.48 15.04 -0.86
C ARG A 178 -3.44 14.83 -2.38
N ALA A 179 -3.46 15.92 -3.14
CA ALA A 179 -3.41 15.79 -4.62
C ALA A 179 -2.10 15.16 -5.03
N GLN A 180 -1.00 15.52 -4.38
CA GLN A 180 0.29 14.93 -4.77
C GLN A 180 0.30 13.39 -4.49
N LEU A 181 -0.23 12.99 -3.31
CA LEU A 181 -0.28 11.56 -3.00
C LEU A 181 -1.09 10.81 -4.04
N VAL A 182 -2.27 11.36 -4.35
CA VAL A 182 -3.14 10.68 -5.35
C VAL A 182 -2.50 10.67 -6.72
N THR A 183 -1.86 11.77 -7.13
CA THR A 183 -1.15 11.78 -8.37
C THR A 183 -0.10 10.70 -8.43
N TRP A 184 0.71 10.59 -7.35
CA TRP A 184 1.72 9.54 -7.32
C TRP A 184 1.12 8.15 -7.47
N MET A 185 0.05 7.87 -6.70
CA MET A 185 -0.57 6.55 -6.73
C MET A 185 -1.21 6.24 -8.09
N LYS A 186 -1.79 7.25 -8.74
CA LYS A 186 -2.38 7.03 -10.07
C LYS A 186 -1.28 6.69 -11.11
N GLY A 187 -0.06 7.12 -10.83
CA GLY A 187 1.06 6.84 -11.68
C GLY A 187 1.81 5.56 -11.34
N ASN A 188 1.28 4.74 -10.44
CA ASN A 188 1.92 3.50 -10.10
C ASN A 188 2.13 2.65 -11.34
N THR A 189 3.29 1.96 -11.40
CA THR A 189 3.61 1.04 -12.51
C THR A 189 3.50 -0.42 -12.14
N THR A 190 3.25 -0.75 -10.87
CA THR A 190 3.35 -2.14 -10.41
C THR A 190 2.02 -2.84 -10.19
N GLY A 191 0.89 -2.18 -10.43
CA GLY A 191 -0.40 -2.69 -10.01
C GLY A 191 -1.31 -3.25 -11.08
N ALA A 192 -0.86 -3.35 -12.31
CA ALA A 192 -1.80 -3.68 -13.40
C ALA A 192 -2.33 -5.11 -13.33
N ALA A 193 -1.62 -6.01 -12.67
CA ALA A 193 -2.05 -7.39 -12.52
C ALA A 193 -2.83 -7.65 -11.25
N SER A 194 -3.01 -6.62 -10.41
CA SER A 194 -3.59 -6.83 -9.07
C SER A 194 -5.00 -6.32 -9.05
N ILE A 195 -5.39 -5.38 -8.16
CA ILE A 195 -6.78 -4.91 -8.16
C ILE A 195 -7.24 -4.46 -9.50
N GLN A 196 -6.42 -3.68 -10.23
CA GLN A 196 -6.69 -3.22 -11.57
CA GLN A 196 -6.89 -3.16 -11.51
C GLN A 196 -7.27 -4.27 -12.49
N ALA A 197 -6.67 -5.46 -12.40
CA ALA A 197 -6.95 -6.56 -13.29
C ALA A 197 -8.36 -7.16 -13.05
N GLY A 198 -9.02 -6.80 -11.94
CA GLY A 198 -10.36 -7.26 -11.67
C GLY A 198 -11.44 -6.21 -11.91
N LEU A 199 -11.06 -5.04 -12.45
CA LEU A 199 -11.97 -3.92 -12.65
C LEU A 199 -12.12 -3.64 -14.13
N PRO A 200 -13.22 -3.04 -14.57
CA PRO A 200 -13.34 -2.63 -15.96
C PRO A 200 -12.17 -1.72 -16.33
N ALA A 201 -11.83 -1.79 -17.64
CA ALA A 201 -10.75 -1.00 -18.16
C ALA A 201 -10.98 0.52 -18.07
N SER A 202 -12.21 0.94 -18.07
CA SER A 202 -12.48 2.37 -18.01
C SER A 202 -12.28 2.97 -16.61
N TRP A 203 -12.19 2.16 -15.56
CA TRP A 203 -12.09 2.71 -14.21
C TRP A 203 -10.68 3.21 -13.94
N VAL A 204 -10.56 4.25 -13.13
CA VAL A 204 -9.27 4.86 -12.81
C VAL A 204 -8.83 4.37 -11.43
N VAL A 205 -7.60 3.96 -11.33
CA VAL A 205 -7.12 3.43 -10.07
C VAL A 205 -5.79 4.09 -9.65
N GLY A 206 -5.69 4.44 -8.36
CA GLY A 206 -4.42 4.74 -7.75
C GLY A 206 -4.16 3.66 -6.71
N ASP A 207 -3.02 2.93 -6.80
CA ASP A 207 -2.83 1.80 -5.92
C ASP A 207 -1.38 1.71 -5.52
N LYS A 208 -1.17 0.91 -4.45
CA LYS A 208 0.15 0.52 -4.02
C LYS A 208 0.13 -0.98 -3.71
N THR A 209 1.01 -1.75 -4.38
CA THR A 209 1.18 -3.17 -4.18
C THR A 209 2.16 -3.49 -3.06
N GLY A 210 2.20 -4.76 -2.69
CA GLY A 210 3.29 -5.26 -1.87
C GLY A 210 3.51 -6.76 -2.16
N SER A 211 4.74 -7.17 -1.94
CA SER A 211 5.19 -8.56 -2.11
CA SER A 211 5.17 -8.57 -2.11
C SER A 211 6.09 -8.90 -0.96
N GLY A 212 5.95 -10.13 -0.41
CA GLY A 212 6.80 -10.51 0.71
C GLY A 212 7.01 -12.01 0.74
N GLY A 213 7.65 -12.39 1.85
CA GLY A 213 7.76 -13.85 2.15
C GLY A 213 6.43 -14.51 2.27
N TYR A 214 6.45 -15.86 2.26
CA TYR A 214 5.21 -16.59 2.39
C TYR A 214 4.22 -16.24 1.30
N GLY A 215 4.78 -15.89 0.12
CA GLY A 215 3.94 -15.59 -1.07
C GLY A 215 2.97 -14.46 -0.81
N THR A 216 3.37 -13.53 0.08
CA THR A 216 2.47 -12.46 0.46
C THR A 216 2.30 -11.53 -0.73
N THR A 217 1.05 -11.24 -1.06
CA THR A 217 0.72 -10.51 -2.28
C THR A 217 -0.43 -9.55 -1.90
N ASN A 218 -0.14 -8.24 -1.96
CA ASN A 218 -1.04 -7.24 -1.42
C ASN A 218 -1.31 -6.13 -2.42
N ASP A 219 -2.42 -5.42 -2.23
CA ASP A 219 -2.68 -4.19 -3.03
C ASP A 219 -3.68 -3.39 -2.23
N ILE A 220 -3.48 -2.04 -2.22
CA ILE A 220 -4.45 -1.12 -1.59
C ILE A 220 -4.71 -0.05 -2.67
N ALA A 221 -5.98 0.30 -2.85
CA ALA A 221 -6.31 1.19 -3.94
C ALA A 221 -7.45 2.16 -3.59
N VAL A 222 -7.33 3.33 -4.25
CA VAL A 222 -8.43 4.28 -4.37
C VAL A 222 -8.92 4.14 -5.85
N ILE A 223 -10.21 4.01 -6.06
CA ILE A 223 -10.78 3.68 -7.37
C ILE A 223 -11.88 4.68 -7.70
N TRP A 224 -11.82 5.20 -8.92
CA TRP A 224 -12.84 6.07 -9.47
C TRP A 224 -13.55 5.33 -10.59
N PRO A 225 -14.65 4.63 -10.28
CA PRO A 225 -15.42 3.94 -11.30
C PRO A 225 -16.05 4.95 -12.21
N LYS A 226 -16.34 4.51 -13.42
CA LYS A 226 -16.96 5.40 -14.38
C LYS A 226 -18.35 5.89 -13.84
N ASP A 227 -18.53 7.18 -13.72
CA ASP A 227 -19.77 7.79 -13.29
C ASP A 227 -20.26 7.32 -11.93
N ARG A 228 -19.35 7.00 -11.02
CA ARG A 228 -19.75 6.57 -9.70
C ARG A 228 -18.85 7.24 -8.66
N ALA A 229 -19.36 7.24 -7.43
CA ALA A 229 -18.58 7.70 -6.30
C ALA A 229 -17.36 6.75 -6.10
N PRO A 230 -16.28 7.30 -5.52
CA PRO A 230 -15.09 6.49 -5.39
C PRO A 230 -15.25 5.34 -4.40
N LEU A 231 -14.35 4.37 -4.59
CA LEU A 231 -14.19 3.23 -3.70
C LEU A 231 -12.80 3.22 -3.09
N ILE A 232 -12.68 2.58 -1.95
CA ILE A 232 -11.39 2.21 -1.37
C ILE A 232 -11.40 0.72 -1.23
N LEU A 233 -10.30 0.05 -1.70
CA LEU A 233 -10.24 -1.40 -1.63
C LEU A 233 -8.85 -1.83 -1.13
N VAL A 234 -8.85 -2.68 -0.11
CA VAL A 234 -7.65 -3.36 0.37
C VAL A 234 -7.83 -4.85 0.13
N THR A 235 -6.85 -5.45 -0.54
CA THR A 235 -6.81 -6.91 -0.71
C THR A 235 -5.45 -7.40 -0.26
N TYR A 236 -5.43 -8.16 0.83
CA TYR A 236 -4.21 -8.70 1.38
C TYR A 236 -4.28 -10.21 1.23
N PHE A 237 -3.15 -10.85 0.94
CA PHE A 237 -3.15 -12.31 0.76
C PHE A 237 -1.81 -12.85 1.17
N THR A 238 -1.83 -13.97 1.91
CA THR A 238 -0.60 -14.61 2.32
C THR A 238 -0.79 -16.12 2.39
N GLN A 239 0.33 -16.86 2.32
CA GLN A 239 0.30 -18.29 2.03
C GLN A 239 1.03 -19.06 3.08
N PRO A 240 0.87 -20.39 3.14
CA PRO A 240 1.45 -21.16 4.23
C PRO A 240 2.92 -21.47 4.03
N GLN A 241 3.42 -21.51 2.77
CA GLN A 241 4.75 -21.96 2.51
C GLN A 241 5.73 -20.78 2.42
N PRO A 242 6.91 -20.86 3.05
CA PRO A 242 7.85 -19.73 3.02
C PRO A 242 8.15 -19.27 1.64
N LYS A 243 8.32 -20.20 0.70
CA LYS A 243 8.76 -19.87 -0.66
C LYS A 243 7.57 -19.94 -1.65
N ALA A 244 6.36 -19.76 -1.20
CA ALA A 244 5.19 -19.69 -2.09
C ALA A 244 5.41 -18.58 -3.11
N GLU A 245 4.91 -18.80 -4.32
CA GLU A 245 5.00 -17.80 -5.37
C GLU A 245 3.82 -16.80 -5.27
N SER A 246 4.08 -15.55 -5.67
CA SER A 246 3.09 -14.50 -5.64
C SER A 246 1.84 -14.87 -6.37
N ARG A 247 0.72 -14.31 -5.93
CA ARG A 247 -0.59 -14.62 -6.51
C ARG A 247 -1.41 -13.37 -6.71
N ARG A 248 -0.92 -12.52 -7.66
CA ARG A 248 -1.64 -11.29 -7.99
CA ARG A 248 -1.62 -11.28 -8.00
C ARG A 248 -3.05 -11.55 -8.54
N ASP A 249 -3.17 -12.70 -9.23
CA ASP A 249 -4.47 -13.12 -9.73
C ASP A 249 -5.53 -13.27 -8.63
N VAL A 250 -5.16 -13.66 -7.40
CA VAL A 250 -6.10 -13.79 -6.31
C VAL A 250 -6.66 -12.40 -5.98
N LEU A 251 -5.77 -11.38 -5.98
CA LEU A 251 -6.22 -10.02 -5.70
C LEU A 251 -7.17 -9.52 -6.77
N ALA A 252 -6.84 -9.78 -8.07
CA ALA A 252 -7.73 -9.42 -9.13
C ALA A 252 -9.08 -10.09 -8.99
N SER A 253 -9.10 -11.36 -8.63
CA SER A 253 -10.35 -12.07 -8.43
C SER A 253 -11.19 -11.50 -7.32
N ALA A 254 -10.49 -11.19 -6.20
CA ALA A 254 -11.19 -10.57 -5.07
C ALA A 254 -11.82 -9.24 -5.47
N ALA A 255 -11.07 -8.43 -6.20
CA ALA A 255 -11.57 -7.13 -6.66
C ALA A 255 -12.82 -7.30 -7.53
N LYS A 256 -12.77 -8.26 -8.44
CA LYS A 256 -13.93 -8.53 -9.31
CA LYS A 256 -13.96 -8.53 -9.30
C LYS A 256 -15.15 -8.93 -8.44
N ILE A 257 -14.90 -9.87 -7.50
CA ILE A 257 -16.02 -10.34 -6.70
C ILE A 257 -16.71 -9.17 -5.94
N VAL A 258 -15.94 -8.29 -5.33
CA VAL A 258 -16.57 -7.27 -4.50
C VAL A 258 -17.07 -6.05 -5.26
N THR A 259 -16.71 -5.91 -6.53
CA THR A 259 -17.22 -4.80 -7.31
C THR A 259 -18.19 -5.17 -8.44
N ASP A 260 -18.29 -6.46 -8.77
CA ASP A 260 -19.17 -6.90 -9.83
C ASP A 260 -20.59 -6.52 -9.46
N GLY A 261 -21.31 -5.88 -10.38
CA GLY A 261 -22.71 -5.45 -10.05
C GLY A 261 -22.80 -4.00 -9.56
N LEU A 262 -21.69 -3.33 -9.23
CA LEU A 262 -21.67 -1.92 -8.97
C LEU A 262 -22.13 -1.22 -10.26
#